data_3R8Q
#
_entry.id   3R8Q
#
_cell.length_a   52.010
_cell.length_b   36.890
_cell.length_c   75.970
_cell.angle_alpha   90.000
_cell.angle_beta   94.570
_cell.angle_gamma   90.000
#
_symmetry.space_group_name_H-M   'P 1 21 1'
#
loop_
_entity.id
_entity.type
_entity.pdbx_description
1 polymer Fibronectin
2 water water
#
_entity_poly.entity_id   1
_entity_poly.type   'polypeptide(L)'
_entity_poly.pdbx_seq_one_letter_code
;MAHHHHHHSSGLEVLFQGPAIPAPTDLKFTQVTPTSLSAQWTPPNVQLTGYRVRVTPKEKTGPMKEINLAPDSSSVVVSG
LMVATKYEVSVYALKDTLTSRPAQGVVTTLENVSPPRRARVTDATETTITISWRTKTETITGFQVDAVPANGQTPIQRTI
KPDVRSYTITGLQPGTDYKIYLYTLNDNARSSPVVIDASTAIDAPSNLRFLATTPNSLLVSWQPPRARITGYIIKYEKPG
SPPREVVPRPRPGVTEATITGLEPGTEYTIYVIALKNNQKSEPLIGRKKT
;
_entity_poly.pdbx_strand_id   A
#
# COMPACT_ATOMS: atom_id res chain seq x y z
N ALA A 20 -9.14 -50.72 7.98
CA ALA A 20 -9.73 -49.78 7.03
C ALA A 20 -9.76 -48.38 7.63
N ILE A 21 -9.10 -47.43 6.98
CA ILE A 21 -8.93 -46.09 7.53
C ILE A 21 -9.95 -45.06 7.01
N PRO A 22 -10.38 -44.15 7.90
CA PRO A 22 -11.27 -43.05 7.50
C PRO A 22 -10.57 -42.07 6.55
N ALA A 23 -11.29 -41.63 5.53
CA ALA A 23 -10.81 -40.61 4.63
C ALA A 23 -10.54 -39.34 5.41
N PRO A 24 -9.57 -38.53 4.96
CA PRO A 24 -9.45 -37.18 5.50
C PRO A 24 -10.80 -36.47 5.34
N THR A 25 -11.02 -35.41 6.10
CA THR A 25 -12.35 -34.83 6.16
C THR A 25 -12.33 -33.31 5.99
N ASP A 26 -13.41 -32.76 5.42
CA ASP A 26 -13.56 -31.31 5.29
C ASP A 26 -12.52 -30.66 4.36
N LEU A 27 -12.15 -31.35 3.30
CA LEU A 27 -11.19 -30.79 2.36
C LEU A 27 -11.66 -29.43 1.83
N LYS A 28 -10.74 -28.47 1.76
CA LYS A 28 -11.04 -27.19 1.14
C LYS A 28 -9.81 -26.60 0.46
N PHE A 29 -10.03 -25.66 -0.44
CA PHE A 29 -8.92 -24.99 -1.09
C PHE A 29 -8.92 -23.54 -0.66
N THR A 30 -7.76 -23.06 -0.21
CA THR A 30 -7.68 -21.72 0.35
C THR A 30 -7.09 -20.71 -0.64
N GLN A 31 -6.51 -21.20 -1.71
CA GLN A 31 -5.94 -20.32 -2.71
C GLN A 31 -5.65 -21.06 -3.99
N VAL A 32 -6.01 -20.45 -5.12
CA VAL A 32 -5.58 -20.99 -6.41
C VAL A 32 -4.83 -19.91 -7.17
N THR A 33 -3.65 -20.24 -7.67
CA THR A 33 -2.82 -19.31 -8.42
C THR A 33 -2.65 -19.86 -9.85
N PRO A 34 -1.84 -19.19 -10.69
CA PRO A 34 -1.67 -19.78 -12.02
C PRO A 34 -0.94 -21.13 -12.01
N THR A 35 -0.06 -21.35 -11.02
CA THR A 35 0.79 -22.54 -11.02
C THR A 35 0.74 -23.32 -9.72
N SER A 36 -0.22 -23.00 -8.86
CA SER A 36 -0.28 -23.68 -7.57
C SER A 36 -1.68 -23.64 -6.94
N LEU A 37 -1.88 -24.51 -5.95
CA LEU A 37 -3.14 -24.62 -5.24
C LEU A 37 -2.84 -24.94 -3.77
N SER A 38 -3.66 -24.43 -2.87
CA SER A 38 -3.47 -24.68 -1.45
C SER A 38 -4.70 -25.38 -0.89
N ALA A 39 -4.50 -26.54 -0.27
CA ALA A 39 -5.59 -27.31 0.32
C ALA A 39 -5.34 -27.56 1.80
N GLN A 40 -6.40 -27.99 2.47
CA GLN A 40 -6.45 -28.03 3.91
C GLN A 40 -7.57 -29.00 4.26
N TRP A 41 -7.40 -29.76 5.33
CA TRP A 41 -8.38 -30.77 5.69
C TRP A 41 -8.33 -31.07 7.18
N THR A 42 -9.33 -31.78 7.65
CA THR A 42 -9.32 -32.30 8.99
C THR A 42 -8.81 -33.74 8.90
N PRO A 43 -7.67 -34.01 9.56
CA PRO A 43 -7.07 -35.35 9.55
C PRO A 43 -8.08 -36.38 10.07
N PRO A 44 -7.99 -37.62 9.60
CA PRO A 44 -8.81 -38.65 10.27
C PRO A 44 -8.32 -38.88 11.70
N ASN A 45 -9.22 -39.25 12.61
CA ASN A 45 -8.89 -39.46 14.02
C ASN A 45 -8.30 -40.84 14.26
N VAL A 46 -7.05 -41.00 13.82
CA VAL A 46 -6.38 -42.29 13.76
C VAL A 46 -4.87 -42.07 13.60
N GLN A 47 -4.09 -43.06 14.01
CA GLN A 47 -2.63 -43.03 13.88
C GLN A 47 -2.22 -43.23 12.43
N LEU A 48 -1.65 -42.20 11.81
CA LEU A 48 -1.30 -42.27 10.40
C LEU A 48 0.19 -42.53 10.12
N THR A 49 0.46 -43.17 8.98
CA THR A 49 1.81 -43.35 8.46
C THR A 49 2.24 -42.13 7.64
N GLY A 50 1.33 -41.62 6.81
CA GLY A 50 1.57 -40.46 5.99
C GLY A 50 0.38 -40.16 5.10
N TYR A 51 0.62 -39.32 4.09
CA TYR A 51 -0.40 -39.00 3.09
C TYR A 51 0.16 -39.15 1.67
N ARG A 52 -0.73 -39.41 0.73
CA ARG A 52 -0.38 -39.43 -0.69
C ARG A 52 -1.29 -38.40 -1.35
N VAL A 53 -0.71 -37.38 -1.95
CA VAL A 53 -1.51 -36.39 -2.63
C VAL A 53 -1.35 -36.51 -4.12
N ARG A 54 -2.45 -36.79 -4.81
CA ARG A 54 -2.44 -36.91 -6.26
C ARG A 54 -3.10 -35.68 -6.87
N VAL A 55 -2.39 -35.03 -7.79
CA VAL A 55 -2.94 -33.92 -8.55
C VAL A 55 -2.79 -34.28 -10.04
N THR A 56 -3.90 -34.47 -10.73
CA THR A 56 -3.80 -34.89 -12.13
C THR A 56 -4.66 -34.05 -13.09
N PRO A 57 -4.07 -33.67 -14.24
CA PRO A 57 -4.79 -32.86 -15.24
C PRO A 57 -6.00 -33.62 -15.73
N LYS A 58 -7.17 -33.00 -15.75
CA LYS A 58 -8.39 -33.67 -16.22
C LYS A 58 -8.28 -34.14 -17.67
N GLU A 59 -7.80 -33.25 -18.54
CA GLU A 59 -7.49 -33.63 -19.91
C GLU A 59 -5.99 -33.88 -19.98
N LYS A 60 -5.56 -34.87 -20.75
CA LYS A 60 -4.20 -35.38 -20.64
C LYS A 60 -3.13 -34.38 -21.13
N THR A 61 -3.35 -33.12 -20.85
CA THR A 61 -2.53 -32.05 -21.41
C THR A 61 -1.08 -31.94 -20.87
N GLY A 62 -0.74 -32.71 -19.83
CA GLY A 62 0.57 -32.59 -19.21
C GLY A 62 0.85 -33.49 -18.02
N PRO A 63 1.92 -33.18 -17.27
CA PRO A 63 2.41 -33.93 -16.10
C PRO A 63 1.43 -34.03 -14.92
N MET A 64 1.27 -35.25 -14.42
CA MET A 64 0.54 -35.44 -13.19
C MET A 64 1.54 -35.47 -12.03
N LYS A 65 1.10 -35.02 -10.86
CA LYS A 65 1.98 -34.87 -9.71
C LYS A 65 1.47 -35.74 -8.55
N GLU A 66 2.39 -36.13 -7.67
CA GLU A 66 2.07 -37.07 -6.59
C GLU A 66 3.04 -36.84 -5.44
N ILE A 67 2.52 -36.39 -4.30
CA ILE A 67 3.34 -35.93 -3.19
C ILE A 67 3.07 -36.68 -1.87
N ASN A 68 4.12 -37.25 -1.29
CA ASN A 68 4.02 -37.91 0.00
C ASN A 68 4.21 -36.92 1.15
N LEU A 69 3.37 -37.05 2.17
CA LEU A 69 3.42 -36.11 3.28
C LEU A 69 3.58 -36.80 4.63
N ALA A 70 4.08 -36.04 5.60
CA ALA A 70 4.21 -36.52 6.97
C ALA A 70 2.82 -36.83 7.49
N PRO A 71 2.70 -37.76 8.46
CA PRO A 71 1.40 -38.21 8.95
C PRO A 71 0.69 -37.15 9.76
N ASP A 72 1.41 -36.13 10.22
CA ASP A 72 0.78 -35.06 10.99
C ASP A 72 0.33 -33.90 10.10
N SER A 73 0.42 -34.10 8.80
CA SER A 73 -0.01 -33.08 7.85
C SER A 73 -1.51 -32.81 7.93
N SER A 74 -1.85 -31.55 7.65
CA SER A 74 -3.21 -31.05 7.75
C SER A 74 -3.49 -30.18 6.54
N SER A 75 -2.43 -29.95 5.74
CA SER A 75 -2.50 -29.01 4.63
C SER A 75 -1.35 -29.23 3.65
N VAL A 76 -1.49 -28.68 2.45
CA VAL A 76 -0.49 -28.86 1.39
C VAL A 76 -0.54 -27.71 0.37
N VAL A 77 0.63 -27.35 -0.14
CA VAL A 77 0.74 -26.42 -1.25
C VAL A 77 1.39 -27.15 -2.38
N VAL A 78 0.66 -27.33 -3.48
CA VAL A 78 1.18 -28.03 -4.65
C VAL A 78 1.53 -27.04 -5.74
N SER A 79 2.81 -26.92 -6.04
CA SER A 79 3.27 -25.91 -7.00
C SER A 79 3.72 -26.53 -8.31
N GLY A 80 4.17 -25.67 -9.22
CA GLY A 80 4.68 -26.13 -10.50
C GLY A 80 3.62 -26.66 -11.44
N LEU A 81 2.39 -26.19 -11.28
CA LEU A 81 1.28 -26.66 -12.11
C LEU A 81 1.20 -25.90 -13.44
N MET A 82 0.42 -26.43 -14.37
CA MET A 82 0.19 -25.77 -15.64
C MET A 82 -0.91 -24.73 -15.48
N VAL A 83 -0.75 -23.58 -16.12
CA VAL A 83 -1.70 -22.49 -16.00
C VAL A 83 -3.00 -22.82 -16.74
N ALA A 84 -4.10 -22.22 -16.30
CA ALA A 84 -5.40 -22.43 -16.90
C ALA A 84 -5.63 -23.92 -17.20
N THR A 85 -5.53 -24.74 -16.18
CA THR A 85 -5.71 -26.17 -16.36
C THR A 85 -6.59 -26.77 -15.28
N LYS A 86 -7.56 -27.58 -15.67
CA LYS A 86 -8.36 -28.30 -14.69
C LYS A 86 -7.62 -29.51 -14.11
N TYR A 87 -7.57 -29.57 -12.79
CA TYR A 87 -6.91 -30.67 -12.10
C TYR A 87 -7.87 -31.42 -11.18
N GLU A 88 -7.70 -32.73 -11.11
CA GLU A 88 -8.36 -33.53 -10.10
C GLU A 88 -7.40 -33.69 -8.93
N VAL A 89 -7.92 -33.51 -7.73
CA VAL A 89 -7.11 -33.56 -6.52
C VAL A 89 -7.61 -34.67 -5.57
N SER A 90 -6.71 -35.57 -5.18
CA SER A 90 -7.06 -36.69 -4.32
C SER A 90 -6.11 -36.78 -3.13
N VAL A 91 -6.66 -36.69 -1.93
CA VAL A 91 -5.86 -36.82 -0.72
C VAL A 91 -6.15 -38.14 -0.03
N TYR A 92 -5.15 -39.02 -0.02
CA TYR A 92 -5.23 -40.33 0.66
C TYR A 92 -4.52 -40.28 2.02
N ALA A 93 -5.19 -40.80 3.05
CA ALA A 93 -4.50 -41.00 4.32
C ALA A 93 -3.92 -42.42 4.35
N LEU A 94 -2.68 -42.53 4.84
CA LEU A 94 -1.95 -43.79 4.77
C LEU A 94 -1.53 -44.33 6.14
N LYS A 95 -1.76 -45.62 6.34
CA LYS A 95 -1.24 -46.31 7.51
C LYS A 95 -0.55 -47.62 7.07
N ASP A 96 0.76 -47.58 6.90
CA ASP A 96 1.49 -48.72 6.37
C ASP A 96 0.83 -49.23 5.08
N THR A 97 0.34 -50.46 5.12
CA THR A 97 -0.25 -51.11 3.96
C THR A 97 -1.68 -50.65 3.65
N LEU A 98 -2.25 -49.83 4.53
CA LEU A 98 -3.64 -49.42 4.38
C LEU A 98 -3.78 -48.01 3.79
N THR A 99 -4.78 -47.86 2.93
CA THR A 99 -5.08 -46.58 2.29
C THR A 99 -6.54 -46.19 2.50
N SER A 100 -6.76 -44.99 3.01
CA SER A 100 -8.13 -44.49 3.13
C SER A 100 -8.68 -44.31 1.73
N ARG A 101 -9.98 -44.17 1.60
CA ARG A 101 -10.51 -43.65 0.34
C ARG A 101 -10.07 -42.19 0.24
N PRO A 102 -10.06 -41.64 -0.97
CA PRO A 102 -9.50 -40.28 -1.05
C PRO A 102 -10.52 -39.17 -0.71
N ALA A 103 -10.06 -38.11 -0.05
CA ALA A 103 -10.82 -36.86 -0.05
C ALA A 103 -10.51 -36.19 -1.39
N GLN A 104 -11.54 -35.85 -2.17
CA GLN A 104 -11.34 -35.35 -3.53
C GLN A 104 -11.86 -33.95 -3.75
N GLY A 105 -11.19 -33.21 -4.63
CA GLY A 105 -11.64 -31.89 -5.04
C GLY A 105 -11.31 -31.65 -6.50
N VAL A 106 -11.85 -30.57 -7.06
CA VAL A 106 -11.46 -30.16 -8.40
C VAL A 106 -10.98 -28.72 -8.40
N VAL A 107 -9.88 -28.49 -9.10
CA VAL A 107 -9.30 -27.16 -9.18
C VAL A 107 -8.98 -26.76 -10.62
N THR A 108 -9.30 -25.52 -10.97
CA THR A 108 -8.80 -24.96 -12.23
C THR A 108 -7.84 -23.82 -11.93
N THR A 109 -6.62 -23.93 -12.44
CA THR A 109 -5.61 -22.90 -12.20
C THR A 109 -5.90 -21.66 -13.05
N LEU A 110 -5.43 -20.50 -12.60
CA LEU A 110 -5.70 -19.26 -13.32
C LEU A 110 -4.83 -19.11 -14.57
N GLU A 111 -5.18 -18.14 -15.40
CA GLU A 111 -4.34 -17.79 -16.52
C GLU A 111 -3.04 -17.23 -15.99
N ASN A 112 -1.97 -17.37 -16.76
CA ASN A 112 -0.70 -16.74 -16.43
C ASN A 112 -0.88 -15.25 -16.10
N VAL A 113 -0.07 -14.75 -15.17
CA VAL A 113 -0.02 -13.33 -14.80
C VAL A 113 1.23 -13.09 -13.95
N SER A 114 1.91 -11.97 -14.18
CA SER A 114 3.16 -11.67 -13.45
C SER A 114 3.09 -10.32 -12.78
N PRO A 115 3.75 -10.19 -11.62
CA PRO A 115 3.73 -8.89 -10.94
C PRO A 115 4.42 -7.80 -11.76
N PRO A 116 4.09 -6.54 -11.47
CA PRO A 116 4.82 -5.41 -12.04
C PRO A 116 6.30 -5.47 -11.69
N ARG A 117 7.17 -5.00 -12.58
CA ARG A 117 8.61 -4.96 -12.31
C ARG A 117 9.02 -3.51 -12.05
N ARG A 118 10.09 -3.31 -11.30
CA ARG A 118 10.70 -2.00 -11.16
C ARG A 118 9.73 -0.91 -10.77
N ALA A 119 8.84 -1.20 -9.84
CA ALA A 119 7.82 -0.23 -9.43
C ALA A 119 8.41 0.90 -8.57
N ARG A 120 8.10 2.15 -8.93
CA ARG A 120 8.71 3.29 -8.24
C ARG A 120 7.73 4.45 -8.02
N VAL A 121 7.90 5.15 -6.90
CA VAL A 121 7.19 6.40 -6.67
C VAL A 121 7.97 7.51 -7.36
N THR A 122 7.30 8.31 -8.20
CA THR A 122 8.02 9.29 -9.01
C THR A 122 7.62 10.71 -8.65
N ASP A 123 6.47 10.87 -8.02
CA ASP A 123 5.98 12.19 -7.69
C ASP A 123 5.06 12.13 -6.46
N ALA A 124 5.12 13.18 -5.64
CA ALA A 124 4.25 13.30 -4.48
C ALA A 124 3.82 14.76 -4.25
N THR A 125 2.52 14.92 -4.03
CA THR A 125 1.85 16.20 -3.88
C THR A 125 1.02 16.13 -2.61
N GLU A 126 0.35 17.21 -2.25
CA GLU A 126 -0.51 17.19 -1.06
C GLU A 126 -1.63 16.18 -1.21
N THR A 127 -2.13 16.03 -2.43
CA THR A 127 -3.37 15.30 -2.70
C THR A 127 -3.19 14.09 -3.61
N THR A 128 -2.02 13.97 -4.24
CA THR A 128 -1.79 12.89 -5.20
C THR A 128 -0.48 12.17 -4.96
N ILE A 129 -0.33 11.02 -5.59
CA ILE A 129 0.93 10.29 -5.64
C ILE A 129 1.03 9.68 -7.02
N THR A 130 2.20 9.76 -7.64
CA THR A 130 2.37 9.21 -8.97
C THR A 130 3.36 8.06 -8.94
N ILE A 131 2.95 6.93 -9.50
CA ILE A 131 3.82 5.76 -9.54
C ILE A 131 4.12 5.36 -10.98
N SER A 132 5.18 4.58 -11.14
CA SER A 132 5.57 4.07 -12.44
C SER A 132 6.09 2.64 -12.28
N TRP A 133 5.93 1.85 -13.33
CA TRP A 133 6.32 0.44 -13.32
C TRP A 133 6.55 -0.08 -14.75
N ARG A 134 7.17 -1.25 -14.84
CA ARG A 134 7.33 -1.97 -16.09
C ARG A 134 6.72 -3.36 -15.94
N THR A 135 6.67 -4.13 -17.02
CA THR A 135 6.09 -5.47 -16.98
C THR A 135 6.77 -6.40 -17.96
N LYS A 136 6.65 -7.71 -17.71
CA LYS A 136 7.02 -8.69 -18.73
C LYS A 136 6.05 -8.49 -19.87
N THR A 137 6.47 -8.81 -21.08
CA THR A 137 5.55 -8.67 -22.20
C THR A 137 4.61 -9.87 -22.19
N GLU A 138 3.54 -9.74 -21.41
CA GLU A 138 2.51 -10.76 -21.30
C GLU A 138 1.17 -10.10 -21.61
N THR A 139 0.16 -10.91 -21.83
CA THR A 139 -1.19 -10.40 -21.99
C THR A 139 -1.73 -9.88 -20.66
N ILE A 140 -2.12 -8.61 -20.66
CA ILE A 140 -2.61 -7.92 -19.48
C ILE A 140 -4.00 -7.39 -19.80
N THR A 141 -4.91 -7.46 -18.84
CA THR A 141 -6.20 -6.79 -19.01
C THR A 141 -6.35 -5.54 -18.16
N GLY A 142 -5.52 -5.40 -17.12
CA GLY A 142 -5.55 -4.20 -16.31
C GLY A 142 -4.58 -4.17 -15.13
N PHE A 143 -4.70 -3.15 -14.29
CA PHE A 143 -3.97 -3.13 -13.03
C PHE A 143 -4.90 -2.74 -11.90
N GLN A 144 -4.56 -3.16 -10.68
CA GLN A 144 -5.29 -2.74 -9.49
C GLN A 144 -4.28 -2.05 -8.54
N VAL A 145 -4.69 -0.94 -7.95
CA VAL A 145 -3.88 -0.30 -6.95
C VAL A 145 -4.70 -0.02 -5.69
N ASP A 146 -4.12 -0.31 -4.54
CA ASP A 146 -4.74 -0.01 -3.27
C ASP A 146 -3.75 0.81 -2.48
N ALA A 147 -4.14 2.04 -2.13
CA ALA A 147 -3.29 2.90 -1.31
C ALA A 147 -3.84 2.90 0.12
N VAL A 148 -3.07 2.32 1.03
CA VAL A 148 -3.50 2.16 2.40
C VAL A 148 -2.82 3.20 3.29
N PRO A 149 -3.59 4.18 3.81
CA PRO A 149 -3.04 5.23 4.69
C PRO A 149 -2.64 4.65 6.06
N ALA A 150 -1.69 5.31 6.73
CA ALA A 150 -1.13 4.76 7.97
C ALA A 150 -1.97 5.04 9.20
N ASN A 151 -3.07 5.78 9.01
CA ASN A 151 -3.76 6.38 10.14
C ASN A 151 -5.11 5.74 10.45
N GLY A 152 -5.23 4.45 10.17
CA GLY A 152 -6.47 3.73 10.43
C GLY A 152 -7.53 4.03 9.39
N GLN A 153 -7.29 5.05 8.57
CA GLN A 153 -8.26 5.45 7.56
C GLN A 153 -8.48 4.37 6.50
N THR A 154 -9.55 4.56 5.73
CA THR A 154 -9.93 3.64 4.66
C THR A 154 -9.01 3.70 3.43
N PRO A 155 -8.64 2.53 2.89
CA PRO A 155 -7.80 2.41 1.69
C PRO A 155 -8.44 3.03 0.44
N ILE A 156 -7.62 3.51 -0.48
CA ILE A 156 -8.12 4.04 -1.75
C ILE A 156 -7.83 3.07 -2.90
N GLN A 157 -8.86 2.40 -3.41
CA GLN A 157 -8.67 1.42 -4.47
C GLN A 157 -9.05 1.95 -5.85
N ARG A 158 -8.17 1.72 -6.83
CA ARG A 158 -8.42 2.11 -8.22
C ARG A 158 -8.05 0.97 -9.16
N THR A 159 -8.59 1.07 -10.36
CA THR A 159 -8.40 0.09 -11.42
C THR A 159 -7.77 0.84 -12.60
N ILE A 160 -6.82 0.21 -13.27
CA ILE A 160 -5.98 0.91 -14.25
C ILE A 160 -5.96 0.21 -15.61
N LYS A 161 -6.06 0.98 -16.69
CA LYS A 161 -6.02 0.40 -18.03
C LYS A 161 -4.66 -0.26 -18.34
N PRO A 162 -4.70 -1.37 -19.12
CA PRO A 162 -3.56 -2.26 -19.36
C PRO A 162 -2.34 -1.67 -20.08
N ASP A 163 -2.50 -0.57 -20.83
CA ASP A 163 -1.36 -0.01 -21.57
C ASP A 163 -0.61 1.03 -20.75
N VAL A 164 -1.12 1.32 -19.57
CA VAL A 164 -0.53 2.33 -18.69
C VAL A 164 0.70 1.83 -17.92
N ARG A 165 1.70 2.71 -17.79
CA ARG A 165 2.89 2.40 -17.00
C ARG A 165 3.18 3.53 -15.99
N SER A 166 2.34 4.56 -16.03
CA SER A 166 2.43 5.67 -15.09
C SER A 166 1.02 6.09 -14.67
N TYR A 167 0.77 6.21 -13.36
CA TYR A 167 -0.56 6.52 -12.85
C TYR A 167 -0.51 7.47 -11.66
N THR A 168 -1.52 8.32 -11.55
CA THR A 168 -1.60 9.24 -10.43
C THR A 168 -2.82 8.93 -9.58
N ILE A 169 -2.58 8.59 -8.32
CA ILE A 169 -3.67 8.36 -7.38
C ILE A 169 -4.10 9.72 -6.86
N THR A 170 -5.34 10.09 -7.12
CA THR A 170 -5.87 11.41 -6.74
C THR A 170 -6.78 11.33 -5.51
N GLY A 171 -7.02 12.47 -4.87
CA GLY A 171 -7.95 12.53 -3.76
C GLY A 171 -7.42 11.97 -2.44
N LEU A 172 -6.11 12.08 -2.23
CA LEU A 172 -5.49 11.57 -1.03
C LEU A 172 -5.41 12.65 0.06
N GLN A 173 -5.09 12.23 1.27
CA GLN A 173 -4.96 13.17 2.38
C GLN A 173 -3.54 13.69 2.51
N PRO A 174 -3.40 15.00 2.74
CA PRO A 174 -2.11 15.66 2.89
C PRO A 174 -1.32 15.11 4.08
N GLY A 175 0.00 15.29 4.06
CA GLY A 175 0.87 14.85 5.13
C GLY A 175 0.57 13.44 5.61
N THR A 176 0.37 12.51 4.69
CA THR A 176 -0.03 11.15 5.06
C THR A 176 0.87 10.05 4.46
N ASP A 177 1.14 9.02 5.24
CA ASP A 177 1.93 7.88 4.78
C ASP A 177 1.03 6.84 4.14
N TYR A 178 1.42 6.37 2.96
CA TYR A 178 0.67 5.32 2.28
C TYR A 178 1.55 4.11 1.92
N LYS A 179 1.00 2.92 2.10
CA LYS A 179 1.55 1.72 1.49
C LYS A 179 0.74 1.48 0.23
N ILE A 180 1.44 1.26 -0.88
CA ILE A 180 0.75 1.14 -2.16
C ILE A 180 0.91 -0.26 -2.71
N TYR A 181 -0.22 -0.91 -2.93
CA TYR A 181 -0.25 -2.28 -3.45
C TYR A 181 -0.73 -2.26 -4.89
N LEU A 182 0.17 -2.62 -5.78
CA LEU A 182 -0.10 -2.65 -7.20
C LEU A 182 -0.08 -4.09 -7.71
N TYR A 183 -1.14 -4.47 -8.42
CA TYR A 183 -1.32 -5.83 -8.92
C TYR A 183 -1.54 -5.82 -10.42
N THR A 184 -0.99 -6.81 -11.11
CA THR A 184 -1.35 -7.05 -12.49
C THR A 184 -2.63 -7.89 -12.54
N LEU A 185 -3.57 -7.45 -13.38
CA LEU A 185 -4.76 -8.24 -13.65
C LEU A 185 -4.66 -8.86 -15.05
N ASN A 186 -4.98 -10.15 -15.13
CA ASN A 186 -5.22 -10.78 -16.43
C ASN A 186 -6.52 -11.57 -16.33
N ASP A 187 -7.60 -10.95 -16.79
CA ASP A 187 -8.94 -11.44 -16.53
C ASP A 187 -9.10 -11.63 -15.01
N ASN A 188 -9.40 -12.86 -14.58
CA ASN A 188 -9.58 -13.13 -13.16
C ASN A 188 -8.25 -13.29 -12.43
N ALA A 189 -7.20 -13.60 -13.17
CA ALA A 189 -5.90 -13.75 -12.54
C ALA A 189 -5.34 -12.42 -12.01
N ARG A 190 -5.08 -12.40 -10.71
CA ARG A 190 -4.45 -11.29 -10.04
C ARG A 190 -3.08 -11.75 -9.54
N SER A 191 -2.04 -10.99 -9.88
CA SER A 191 -0.70 -11.25 -9.36
C SER A 191 -0.57 -10.81 -7.91
N SER A 192 0.46 -11.30 -7.23
CA SER A 192 0.88 -10.74 -5.95
C SER A 192 1.06 -9.23 -6.08
N PRO A 193 0.81 -8.50 -5.00
CA PRO A 193 1.08 -7.06 -5.10
C PRO A 193 2.56 -6.77 -5.06
N VAL A 194 2.96 -5.73 -5.74
CA VAL A 194 4.23 -5.07 -5.46
C VAL A 194 3.91 -4.01 -4.39
N VAL A 195 4.79 -3.84 -3.40
CA VAL A 195 4.51 -2.90 -2.32
C VAL A 195 5.53 -1.78 -2.34
N ILE A 196 5.04 -0.55 -2.43
CA ILE A 196 5.91 0.63 -2.34
C ILE A 196 5.41 1.69 -1.36
N ASP A 197 6.36 2.49 -0.87
CA ASP A 197 6.06 3.47 0.17
C ASP A 197 6.10 4.88 -0.38
N ALA A 198 5.15 5.70 0.06
CA ALA A 198 5.19 7.12 -0.24
C ALA A 198 4.39 7.95 0.78
N SER A 199 4.63 9.26 0.79
CA SER A 199 3.92 10.18 1.68
C SER A 199 3.51 11.42 0.91
N THR A 200 2.24 11.82 1.04
CA THR A 200 1.80 13.10 0.48
C THR A 200 2.51 14.25 1.19
N ALA A 201 2.73 15.34 0.48
CA ALA A 201 3.27 16.56 1.05
C ALA A 201 2.44 17.11 2.21
N ILE A 202 3.12 17.78 3.14
CA ILE A 202 2.43 18.58 4.15
C ILE A 202 1.74 19.75 3.43
N ASP A 203 0.45 19.92 3.66
CA ASP A 203 -0.24 21.10 3.13
C ASP A 203 0.09 22.36 3.93
N ALA A 204 0.17 23.50 3.25
CA ALA A 204 0.52 24.77 3.89
C ALA A 204 -0.57 25.30 4.82
N PRO A 205 -0.18 26.13 5.81
CA PRO A 205 -1.19 26.95 6.49
C PRO A 205 -1.82 27.86 5.45
N SER A 206 -3.03 28.35 5.70
CA SER A 206 -3.68 29.20 4.71
C SER A 206 -4.09 30.56 5.32
N ASN A 207 -4.36 31.53 4.44
CA ASN A 207 -5.02 32.76 4.86
C ASN A 207 -4.27 33.63 5.88
N LEU A 208 -3.07 34.04 5.51
CA LEU A 208 -2.30 34.95 6.37
C LEU A 208 -3.05 36.27 6.58
N ARG A 209 -3.23 36.66 7.84
CA ARG A 209 -3.83 37.94 8.16
C ARG A 209 -2.93 38.64 9.16
N PHE A 210 -2.71 39.94 8.97
CA PHE A 210 -1.98 40.70 9.97
C PHE A 210 -2.96 41.42 10.88
N LEU A 211 -3.22 40.82 12.05
CA LEU A 211 -4.19 41.35 13.01
C LEU A 211 -3.74 42.63 13.74
N ALA A 212 -2.44 42.80 13.94
CA ALA A 212 -1.96 43.93 14.71
C ALA A 212 -0.60 44.36 14.20
N THR A 213 -0.37 45.67 14.19
CA THR A 213 0.87 46.22 13.68
C THR A 213 1.41 47.29 14.63
N THR A 214 2.72 47.28 14.81
CA THR A 214 3.40 48.29 15.59
C THR A 214 4.69 48.63 14.84
N PRO A 215 5.31 49.78 15.16
CA PRO A 215 6.57 50.07 14.47
C PRO A 215 7.63 48.98 14.67
N ASN A 216 7.51 48.20 15.75
CA ASN A 216 8.48 47.15 16.05
C ASN A 216 7.90 45.74 16.11
N SER A 217 6.65 45.56 15.72
CA SER A 217 6.08 44.21 15.80
C SER A 217 4.88 43.95 14.91
N LEU A 218 4.60 42.66 14.70
CA LEU A 218 3.39 42.24 14.00
C LEU A 218 2.75 41.02 14.68
N LEU A 219 1.44 41.00 14.73
CA LEU A 219 0.73 39.83 15.18
C LEU A 219 0.16 39.17 13.92
N VAL A 220 0.65 37.98 13.62
CA VAL A 220 0.17 37.27 12.46
C VAL A 220 -0.82 36.18 12.85
N SER A 221 -1.70 35.89 11.91
CA SER A 221 -2.77 34.94 12.08
C SER A 221 -2.84 34.10 10.81
N TRP A 222 -3.21 32.83 10.99
CA TRP A 222 -3.35 31.92 9.87
C TRP A 222 -4.43 30.88 10.18
N GLN A 223 -4.83 30.14 9.16
CA GLN A 223 -5.72 29.01 9.36
C GLN A 223 -4.91 27.72 9.29
N PRO A 224 -5.28 26.71 10.10
CA PRO A 224 -4.50 25.45 10.15
C PRO A 224 -4.62 24.63 8.86
N PRO A 225 -3.56 23.88 8.53
CA PRO A 225 -3.64 22.91 7.42
C PRO A 225 -4.45 21.68 7.83
N ARG A 226 -4.58 20.73 6.92
CA ARG A 226 -5.34 19.52 7.20
C ARG A 226 -4.49 18.35 7.68
N ALA A 227 -3.17 18.44 7.53
CA ALA A 227 -2.28 17.34 7.93
C ALA A 227 -2.11 17.26 9.46
N ARG A 228 -1.72 16.08 9.94
CA ARG A 228 -1.45 15.92 11.37
C ARG A 228 -0.08 16.53 11.68
N ILE A 229 -0.04 17.86 11.76
CA ILE A 229 1.21 18.60 11.91
C ILE A 229 1.75 18.52 13.33
N THR A 230 3.05 18.74 13.48
CA THR A 230 3.70 18.73 14.79
C THR A 230 4.15 20.12 15.26
N GLY A 231 3.99 21.13 14.41
CA GLY A 231 4.39 22.48 14.76
C GLY A 231 4.38 23.38 13.55
N TYR A 232 4.81 24.62 13.73
CA TYR A 232 4.92 25.59 12.66
C TYR A 232 6.29 26.25 12.77
N ILE A 233 6.77 26.76 11.64
CA ILE A 233 7.88 27.71 11.65
C ILE A 233 7.36 29.06 11.18
N ILE A 234 7.78 30.15 11.84
CA ILE A 234 7.52 31.47 11.29
C ILE A 234 8.82 32.13 10.88
N LYS A 235 8.95 32.52 9.63
CA LYS A 235 10.12 33.27 9.19
C LYS A 235 9.69 34.66 8.75
N TYR A 236 10.55 35.64 8.99
CA TYR A 236 10.32 37.00 8.53
C TYR A 236 11.59 37.57 7.90
N GLU A 237 11.45 38.60 7.08
CA GLU A 237 12.54 38.98 6.23
C GLU A 237 12.34 40.37 5.68
N LYS A 238 13.33 41.24 5.85
CA LYS A 238 13.27 42.54 5.21
C LYS A 238 14.20 42.56 4.01
N PRO A 239 13.96 43.48 3.06
CA PRO A 239 14.86 43.61 1.90
C PRO A 239 16.29 43.79 2.38
N GLY A 240 17.21 43.00 1.83
CA GLY A 240 18.62 43.10 2.18
C GLY A 240 19.06 42.32 3.41
N SER A 241 18.19 41.47 3.94
CA SER A 241 18.52 40.65 5.10
C SER A 241 18.06 39.21 4.90
N PRO A 242 18.81 38.27 5.48
CA PRO A 242 18.43 36.86 5.39
C PRO A 242 17.27 36.63 6.34
N PRO A 243 16.41 35.67 6.04
CA PRO A 243 15.26 35.51 6.94
C PRO A 243 15.69 35.02 8.34
N ARG A 244 14.87 35.36 9.35
CA ARG A 244 15.01 34.88 10.72
C ARG A 244 13.74 34.11 11.14
N GLU A 245 13.88 33.17 12.07
CA GLU A 245 12.73 32.45 12.62
C GLU A 245 12.20 33.15 13.87
N VAL A 246 10.88 33.08 14.06
CA VAL A 246 10.30 33.48 15.33
C VAL A 246 10.59 32.40 16.36
N VAL A 247 11.00 32.83 17.56
CA VAL A 247 11.30 31.92 18.66
C VAL A 247 10.24 32.09 19.72
N PRO A 248 9.65 30.99 20.19
CA PRO A 248 9.92 29.62 19.72
C PRO A 248 8.98 29.29 18.59
N ARG A 249 9.17 28.13 17.97
CA ARG A 249 8.23 27.67 16.96
C ARG A 249 6.83 27.44 17.55
N PRO A 250 5.82 27.98 16.89
CA PRO A 250 4.46 27.75 17.40
C PRO A 250 4.08 26.25 17.45
N ARG A 251 3.41 25.86 18.54
CA ARG A 251 3.05 24.47 18.73
C ARG A 251 1.70 24.20 18.04
N PRO A 252 1.40 22.93 17.73
CA PRO A 252 0.14 22.68 17.03
C PRO A 252 -1.04 23.15 17.87
N GLY A 253 -2.06 23.70 17.22
CA GLY A 253 -3.18 24.27 17.94
C GLY A 253 -3.15 25.77 17.90
N VAL A 254 -1.94 26.34 17.99
CA VAL A 254 -1.72 27.79 17.85
C VAL A 254 -2.15 28.31 16.47
N THR A 255 -2.82 29.45 16.45
CA THR A 255 -3.13 30.13 15.19
C THR A 255 -2.75 31.62 15.17
N GLU A 256 -1.97 32.08 16.15
CA GLU A 256 -1.48 33.47 16.19
C GLU A 256 -0.06 33.51 16.72
N ALA A 257 0.75 34.43 16.22
CA ALA A 257 2.08 34.62 16.75
C ALA A 257 2.56 36.06 16.60
N THR A 258 3.37 36.49 17.55
CA THR A 258 3.94 37.82 17.53
C THR A 258 5.37 37.83 17.01
N ILE A 259 5.64 38.77 16.10
CA ILE A 259 7.00 38.99 15.64
C ILE A 259 7.45 40.31 16.22
N THR A 260 8.57 40.29 16.94
CA THR A 260 9.01 41.45 17.69
C THR A 260 10.38 41.89 17.17
N GLY A 261 10.89 43.01 17.71
CA GLY A 261 12.21 43.51 17.33
C GLY A 261 12.37 43.90 15.87
N LEU A 262 11.34 44.51 15.30
CA LEU A 262 11.39 44.91 13.91
C LEU A 262 11.77 46.39 13.79
N GLU A 263 12.05 46.85 12.57
CA GLU A 263 12.31 48.26 12.33
C GLU A 263 11.01 48.95 11.97
N PRO A 264 10.86 50.22 12.38
CA PRO A 264 9.72 51.03 11.95
C PRO A 264 9.77 51.29 10.45
N GLY A 265 8.61 51.46 9.81
CA GLY A 265 8.55 51.78 8.39
C GLY A 265 9.23 50.81 7.43
N THR A 266 9.22 49.51 7.75
CA THR A 266 9.89 48.51 6.94
C THR A 266 8.91 47.47 6.42
N GLU A 267 9.05 47.09 5.15
CA GLU A 267 8.28 46.00 4.56
C GLU A 267 8.85 44.66 4.96
N TYR A 268 8.07 43.85 5.66
CA TYR A 268 8.54 42.50 5.97
C TYR A 268 7.75 41.46 5.22
N THR A 269 8.44 40.43 4.77
CA THR A 269 7.78 39.28 4.19
C THR A 269 7.74 38.17 5.22
N ILE A 270 6.56 37.58 5.38
CA ILE A 270 6.34 36.57 6.40
C ILE A 270 6.12 35.22 5.72
N TYR A 271 6.81 34.20 6.22
CA TYR A 271 6.61 32.84 5.74
C TYR A 271 6.10 31.97 6.89
N VAL A 272 4.92 31.39 6.73
CA VAL A 272 4.44 30.41 7.70
C VAL A 272 4.56 28.96 7.15
N ILE A 273 5.40 28.15 7.80
CA ILE A 273 5.61 26.75 7.41
C ILE A 273 4.95 25.77 8.39
N ALA A 274 4.14 24.84 7.88
CA ALA A 274 3.69 23.74 8.71
C ALA A 274 4.70 22.59 8.75
N LEU A 275 4.91 22.02 9.93
CA LEU A 275 5.84 20.92 10.14
C LEU A 275 5.11 19.63 10.44
N LYS A 276 5.71 18.53 10.02
CA LYS A 276 5.36 17.22 10.53
C LYS A 276 6.67 16.50 10.81
N ASN A 277 7.10 16.53 12.06
CA ASN A 277 8.45 16.10 12.39
C ASN A 277 9.46 16.99 11.64
N ASN A 278 10.20 16.42 10.69
CA ASN A 278 11.18 17.20 9.96
C ASN A 278 10.72 17.59 8.55
N GLN A 279 9.52 17.16 8.19
CA GLN A 279 8.94 17.53 6.89
C GLN A 279 8.30 18.90 6.96
N LYS A 280 8.48 19.69 5.90
CA LYS A 280 7.93 21.04 5.84
C LYS A 280 6.93 21.18 4.69
N SER A 281 5.88 21.97 4.90
CA SER A 281 5.03 22.34 3.78
C SER A 281 5.69 23.48 3.03
N GLU A 282 5.17 23.78 1.85
CA GLU A 282 5.57 25.01 1.16
C GLU A 282 5.07 26.12 2.07
N PRO A 283 5.70 27.30 2.01
CA PRO A 283 5.33 28.36 2.95
C PRO A 283 4.08 29.13 2.55
N LEU A 284 3.24 29.44 3.55
CA LEU A 284 2.26 30.51 3.41
C LEU A 284 2.97 31.87 3.52
N ILE A 285 2.83 32.70 2.49
CA ILE A 285 3.56 33.95 2.38
C ILE A 285 2.65 35.19 2.37
N GLY A 286 3.18 36.28 2.92
CA GLY A 286 2.49 37.56 2.90
C GLY A 286 3.43 38.68 3.28
N ARG A 287 3.04 39.92 2.97
CA ARG A 287 3.86 41.10 3.25
C ARG A 287 3.08 42.12 4.06
N LYS A 288 3.81 42.95 4.82
CA LYS A 288 3.21 43.96 5.67
C LYS A 288 4.26 44.98 6.11
N LYS A 289 3.89 46.25 6.13
CA LYS A 289 4.84 47.33 6.37
C LYS A 289 4.90 47.77 7.85
N THR A 290 6.12 47.97 8.34
CA THR A 290 6.40 48.38 9.72
C THR A 290 5.97 47.30 10.71
#